data_1Y38
#
_entry.id   1Y38
#
_cell.length_a   45.866
_cell.length_b   69.071
_cell.length_c   75.646
_cell.angle_alpha   90.00
_cell.angle_beta   90.00
_cell.angle_gamma   90.00
#
_symmetry.space_group_name_H-M   'P 21 21 21'
#
loop_
_entity.id
_entity.type
_entity.pdbx_description
1 polymer 'Phospholipase A2 VRV-PL-VIIIa'
2 non-polymer 'SODIUM ION'
3 non-polymer 'SULFATE ION'
4 non-polymer SN-GLYCEROL-3-PHOSPHATE
5 non-polymer 'TRIETHYLENE GLYCOL'
6 water water
#
_entity_poly.entity_id   1
_entity_poly.type   'polypeptide(L)'
_entity_poly.pdbx_seq_one_letter_code
;SLLEFGKMILEETGKLAIPSYSSYGCYCGWGGKGTPKDATDRCCFVHDCCYGNLPDCNPKSDRYKYKRVNGAIVCEKGTS
CENRICECDKAAAICFRQNLNTYSKKYMLYPDFLCKGELKC
;
_entity_poly.pdbx_strand_id   A,B
#
# COMPACT_ATOMS: atom_id res chain seq x y z
N SER A 1 2.38 -10.60 -10.31
CA SER A 1 2.86 -10.14 -8.97
C SER A 1 2.75 -8.62 -8.90
N LEU A 2 2.74 -8.10 -7.67
CA LEU A 2 2.64 -6.67 -7.43
C LEU A 2 3.69 -5.87 -8.22
N LEU A 3 4.82 -6.50 -8.50
CA LEU A 3 5.88 -5.85 -9.26
C LEU A 3 5.38 -5.48 -10.67
N GLU A 4 4.73 -6.41 -11.34
CA GLU A 4 4.18 -6.13 -12.68
C GLU A 4 2.99 -5.19 -12.56
N PHE A 5 2.13 -5.45 -11.59
CA PHE A 5 0.94 -4.63 -11.40
C PHE A 5 1.31 -3.17 -11.13
N GLY A 6 2.28 -2.98 -10.25
CA GLY A 6 2.71 -1.64 -9.88
C GLY A 6 3.31 -0.84 -11.01
N LYS A 7 4.23 -1.44 -11.76
CA LYS A 7 4.85 -0.71 -12.84
C LYS A 7 3.89 -0.63 -14.02
N MET A 8 2.78 -1.35 -13.92
CA MET A 8 1.79 -1.34 -14.99
C MET A 8 0.97 -0.05 -14.79
N ILE A 9 0.67 0.22 -13.53
CA ILE A 9 -0.09 1.40 -13.12
C ILE A 9 0.62 2.72 -13.45
N LEU A 10 1.94 2.73 -13.31
CA LEU A 10 2.72 3.92 -13.58
C LEU A 10 2.81 4.21 -15.08
N GLU A 11 2.76 3.15 -15.88
CA GLU A 11 2.83 3.29 -17.32
C GLU A 11 1.53 3.88 -17.84
N GLU A 12 0.43 3.45 -17.25
CA GLU A 12 -0.89 3.90 -17.65
C GLU A 12 -1.33 5.23 -17.05
N THR A 13 -1.07 5.43 -15.76
CA THR A 13 -1.50 6.65 -15.09
C THR A 13 -0.46 7.74 -14.90
N GLY A 14 0.81 7.35 -14.77
CA GLY A 14 1.85 8.34 -14.55
C GLY A 14 2.12 8.50 -13.07
N LYS A 15 1.29 7.87 -12.25
CA LYS A 15 1.42 7.92 -10.80
C LYS A 15 2.06 6.62 -10.30
N LEU A 16 2.75 6.69 -9.16
CA LEU A 16 3.41 5.50 -8.61
C LEU A 16 2.41 4.75 -7.75
N ALA A 17 2.28 3.44 -8.00
CA ALA A 17 1.34 2.60 -7.24
C ALA A 17 1.33 3.06 -5.79
N ILE A 18 2.47 2.98 -5.11
CA ILE A 18 2.50 3.48 -3.73
C ILE A 18 2.73 4.99 -3.81
N PRO A 19 1.91 5.84 -3.07
CA PRO A 19 1.09 6.76 -2.31
C PRO A 19 -0.24 6.95 -3.04
N SER A 20 -0.21 6.99 -4.38
CA SER A 20 -1.41 7.16 -5.19
C SER A 20 -2.49 6.09 -5.01
N TYR A 21 -2.11 4.80 -4.95
CA TYR A 21 -3.14 3.77 -4.86
C TYR A 21 -3.09 2.79 -3.70
N SER A 22 -2.03 2.82 -2.90
CA SER A 22 -1.89 1.89 -1.79
C SER A 22 -2.97 1.96 -0.72
N SER A 23 -3.67 3.09 -0.63
CA SER A 23 -4.70 3.23 0.39
C SER A 23 -5.85 4.17 -0.01
N TYR A 24 -6.18 4.17 -1.29
CA TYR A 24 -7.25 5.03 -1.81
C TYR A 24 -8.62 4.43 -1.51
N GLY A 25 -9.54 5.25 -1.00
CA GLY A 25 -10.88 4.79 -0.70
C GLY A 25 -11.02 3.54 0.17
N CYS A 26 -12.02 2.72 -0.14
CA CYS A 26 -12.29 1.51 0.64
C CYS A 26 -11.69 0.22 0.09
N TYR A 27 -11.39 0.16 -1.21
CA TYR A 27 -10.85 -1.06 -1.78
C TYR A 27 -9.42 -0.99 -2.32
N CYS A 28 -8.89 0.19 -2.52
CA CYS A 28 -7.53 0.29 -3.09
C CYS A 28 -6.43 0.10 -2.01
N GLY A 29 -5.52 -0.92 -2.04
CA GLY A 29 -4.48 -1.09 -0.98
C GLY A 29 -4.93 -2.15 0.05
N TRP A 30 -5.75 -3.06 -0.56
N TRP A 30 -5.97 -2.55 0.33
CA TRP A 30 -6.56 -4.23 -0.10
CA TRP A 30 -6.03 -3.98 0.48
C TRP A 30 -7.32 -4.05 1.18
C TRP A 30 -7.44 -4.50 0.32
N GLY A 31 -8.57 -3.91 0.88
CA GLY A 31 -9.66 -3.77 1.79
C GLY A 31 -10.69 -4.78 1.31
N GLY A 32 -11.89 -4.61 1.78
CA GLY A 32 -12.86 -5.54 1.35
C GLY A 32 -14.18 -5.16 1.88
N LYS A 33 -14.29 -4.03 2.53
CA LYS A 33 -15.60 -3.70 3.04
C LYS A 33 -16.01 -2.30 2.62
N GLY A 34 -17.32 -2.04 2.69
CA GLY A 34 -17.84 -0.74 2.34
C GLY A 34 -18.36 -0.60 0.92
N THR A 35 -18.89 0.58 0.64
CA THR A 35 -19.44 0.91 -0.68
C THR A 35 -18.39 1.78 -1.38
N PRO A 36 -17.79 1.28 -2.47
CA PRO A 36 -16.77 2.01 -3.23
C PRO A 36 -17.08 3.50 -3.24
N LYS A 37 -16.08 4.32 -2.92
CA LYS A 37 -16.25 5.77 -2.88
C LYS A 37 -16.47 6.43 -4.23
N ASP A 38 -15.62 6.10 -5.20
CA ASP A 38 -15.77 6.69 -6.53
C ASP A 38 -15.45 5.70 -7.63
N ALA A 39 -15.14 6.23 -8.82
CA ALA A 39 -14.82 5.39 -9.97
C ALA A 39 -13.51 4.65 -9.75
N THR A 40 -12.46 5.38 -9.40
CA THR A 40 -11.16 4.75 -9.16
C THR A 40 -11.32 3.63 -8.16
N ASP A 41 -12.03 3.94 -7.07
CA ASP A 41 -12.28 2.99 -6.01
C ASP A 41 -13.07 1.77 -6.53
N ARG A 42 -13.98 1.99 -7.47
CA ARG A 42 -14.75 0.86 -8.02
C ARG A 42 -13.85 -0.12 -8.75
N CYS A 43 -12.74 0.39 -9.29
CA CYS A 43 -11.80 -0.45 -10.00
C CYS A 43 -10.99 -1.33 -9.08
N CYS A 44 -10.64 -0.81 -7.91
CA CYS A 44 -9.91 -1.61 -6.96
C CYS A 44 -10.84 -2.74 -6.54
N PHE A 45 -12.12 -2.40 -6.40
CA PHE A 45 -13.16 -3.34 -6.02
C PHE A 45 -13.23 -4.48 -7.02
N VAL A 46 -13.50 -4.12 -8.27
CA VAL A 46 -13.59 -5.09 -9.36
C VAL A 46 -12.31 -5.91 -9.48
N HIS A 47 -11.17 -5.26 -9.27
CA HIS A 47 -9.88 -5.94 -9.34
C HIS A 47 -9.80 -6.99 -8.24
N ASP A 48 -10.40 -6.70 -7.08
CA ASP A 48 -10.41 -7.65 -5.98
C ASP A 48 -11.31 -8.83 -6.29
N CYS A 49 -12.42 -8.58 -6.99
CA CYS A 49 -13.34 -9.66 -7.35
C CYS A 49 -12.67 -10.54 -8.39
N CYS A 50 -11.79 -9.92 -9.17
CA CYS A 50 -11.05 -10.60 -10.22
C CYS A 50 -10.02 -11.56 -9.60
N TYR A 51 -9.27 -11.07 -8.62
CA TYR A 51 -8.28 -11.89 -7.95
C TYR A 51 -8.97 -13.03 -7.21
N GLY A 52 -10.15 -12.74 -6.66
CA GLY A 52 -10.91 -13.72 -5.92
C GLY A 52 -11.43 -14.92 -6.71
N ASN A 53 -11.37 -14.82 -8.03
CA ASN A 53 -11.83 -15.89 -8.90
C ASN A 53 -10.67 -16.67 -9.48
N LEU A 54 -9.58 -16.72 -8.74
CA LEU A 54 -8.37 -17.43 -9.14
C LEU A 54 -7.90 -18.20 -7.91
N PRO A 55 -8.76 -19.10 -7.38
CA PRO A 55 -8.46 -19.92 -6.20
C PRO A 55 -7.21 -20.77 -6.35
N ASP A 56 -6.96 -21.21 -7.57
CA ASP A 56 -5.83 -22.06 -7.90
C ASP A 56 -4.53 -21.29 -8.14
N CYS A 57 -4.60 -19.97 -8.02
CA CYS A 57 -3.44 -19.13 -8.27
C CYS A 57 -2.94 -18.27 -7.11
N ASN A 58 -1.72 -17.76 -7.26
CA ASN A 58 -1.11 -16.91 -6.26
C ASN A 58 -0.88 -15.53 -6.90
N PRO A 59 -1.99 -14.79 -7.16
CA PRO A 59 -2.08 -13.45 -7.77
C PRO A 59 -1.12 -12.37 -7.30
N LYS A 60 -0.88 -12.29 -6.00
CA LYS A 60 0.00 -11.26 -5.46
C LYS A 60 1.48 -11.56 -5.64
N SER A 61 1.83 -12.81 -5.92
CA SER A 61 3.24 -13.18 -6.03
C SER A 61 3.78 -13.74 -7.34
N ASP A 62 2.98 -14.47 -8.09
CA ASP A 62 3.45 -15.07 -9.34
C ASP A 62 3.85 -14.00 -10.36
N ARG A 63 5.07 -14.10 -10.90
CA ARG A 63 5.53 -13.12 -11.90
C ARG A 63 5.05 -13.54 -13.29
N TYR A 64 4.39 -12.64 -14.01
CA TYR A 64 3.94 -12.94 -15.36
C TYR A 64 4.64 -11.98 -16.30
N LYS A 65 4.61 -12.29 -17.61
CA LYS A 65 5.27 -11.47 -18.63
C LYS A 65 4.23 -10.76 -19.47
N TYR A 66 4.49 -9.50 -19.80
CA TYR A 66 3.57 -8.75 -20.63
C TYR A 66 4.33 -7.69 -21.41
N LYS A 67 3.80 -7.34 -22.58
CA LYS A 67 4.44 -6.31 -23.41
C LYS A 67 3.43 -5.27 -23.87
N ARG A 68 3.92 -4.14 -24.37
CA ARG A 68 3.03 -3.10 -24.85
C ARG A 68 3.13 -3.03 -26.38
N VAL A 69 2.01 -3.33 -27.04
CA VAL A 69 1.95 -3.32 -28.49
C VAL A 69 1.19 -2.09 -28.97
N ASN A 70 1.90 -1.21 -29.68
CA ASN A 70 1.29 0.02 -30.20
C ASN A 70 0.58 0.71 -29.03
N GLY A 71 1.31 0.84 -27.92
CA GLY A 71 0.77 1.50 -26.74
C GLY A 71 -0.29 0.74 -25.94
N ALA A 72 -0.55 -0.53 -26.29
CA ALA A 72 -1.55 -1.32 -25.58
C ALA A 72 -0.93 -2.47 -24.80
N ILE A 73 -1.45 -2.73 -23.60
CA ILE A 73 -0.94 -3.81 -22.77
C ILE A 73 -1.36 -5.14 -23.35
N VAL A 74 -0.39 -6.04 -23.52
CA VAL A 74 -0.66 -7.35 -24.05
C VAL A 74 -0.05 -8.39 -23.13
N CYS A 75 -0.89 -9.26 -22.62
CA CYS A 75 -0.43 -10.31 -21.74
C CYS A 75 0.16 -11.45 -22.52
N GLU A 76 1.45 -11.70 -22.31
CA GLU A 76 2.16 -12.77 -23.00
C GLU A 76 1.62 -14.09 -22.48
N LYS A 77 1.82 -15.17 -23.24
CA LYS A 77 1.31 -16.46 -22.79
C LYS A 77 2.26 -17.09 -21.79
N GLY A 78 1.67 -17.62 -20.73
CA GLY A 78 2.44 -18.26 -19.70
C GLY A 78 1.52 -19.36 -19.20
N THR A 79 1.46 -19.53 -17.89
CA THR A 79 0.58 -20.55 -17.35
C THR A 79 -0.85 -20.01 -17.35
N SER A 80 -1.80 -20.88 -17.04
CA SER A 80 -3.19 -20.47 -16.99
C SER A 80 -3.29 -19.33 -15.99
N CYS A 81 -2.60 -19.49 -14.85
CA CYS A 81 -2.61 -18.48 -13.80
C CYS A 81 -2.02 -17.12 -14.24
N GLU A 82 -0.77 -17.13 -14.70
CA GLU A 82 -0.11 -15.90 -15.12
C GLU A 82 -0.95 -15.11 -16.12
N ASN A 83 -1.68 -15.80 -16.96
CA ASN A 83 -2.51 -15.14 -17.97
C ASN A 83 -3.77 -14.49 -17.38
N ARG A 84 -4.44 -15.20 -16.49
CA ARG A 84 -5.65 -14.68 -15.85
C ARG A 84 -5.32 -13.54 -14.91
N ILE A 85 -4.20 -13.65 -14.20
CA ILE A 85 -3.75 -12.62 -13.27
C ILE A 85 -3.45 -11.35 -14.04
N CYS A 86 -2.65 -11.51 -15.09
CA CYS A 86 -2.25 -10.39 -15.93
C CYS A 86 -3.47 -9.63 -16.45
N GLU A 87 -4.48 -10.35 -16.91
CA GLU A 87 -5.68 -9.70 -17.42
C GLU A 87 -6.39 -8.93 -16.32
N CYS A 88 -6.36 -9.46 -15.11
CA CYS A 88 -7.00 -8.76 -13.99
C CYS A 88 -6.28 -7.43 -13.77
N ASP A 89 -4.95 -7.49 -13.74
CA ASP A 89 -4.12 -6.32 -13.54
C ASP A 89 -4.25 -5.32 -14.68
N LYS A 90 -4.34 -5.81 -15.90
CA LYS A 90 -4.47 -4.93 -17.05
C LYS A 90 -5.78 -4.14 -17.00
N ALA A 91 -6.86 -4.83 -16.65
CA ALA A 91 -8.17 -4.22 -16.58
C ALA A 91 -8.20 -3.14 -15.51
N ALA A 92 -7.58 -3.39 -14.37
CA ALA A 92 -7.58 -2.43 -13.29
C ALA A 92 -6.77 -1.19 -13.65
N ALA A 93 -5.59 -1.41 -14.21
CA ALA A 93 -4.69 -0.32 -14.60
C ALA A 93 -5.37 0.58 -15.63
N ILE A 94 -5.86 -0.03 -16.70
CA ILE A 94 -6.51 0.74 -17.76
C ILE A 94 -7.66 1.54 -17.18
N CYS A 95 -8.42 0.93 -16.27
CA CYS A 95 -9.51 1.66 -15.65
C CYS A 95 -8.97 2.88 -14.91
N PHE A 96 -7.92 2.67 -14.12
CA PHE A 96 -7.32 3.77 -13.36
C PHE A 96 -7.15 4.99 -14.27
N ARG A 97 -6.56 4.77 -15.43
CA ARG A 97 -6.36 5.85 -16.38
C ARG A 97 -7.68 6.51 -16.80
N GLN A 98 -8.62 5.68 -17.25
CA GLN A 98 -9.91 6.18 -17.69
C GLN A 98 -10.60 7.08 -16.67
N ASN A 99 -10.24 6.94 -15.40
CA ASN A 99 -10.89 7.74 -14.37
C ASN A 99 -9.96 8.68 -13.65
N LEU A 100 -8.82 8.97 -14.25
CA LEU A 100 -7.86 9.88 -13.64
C LEU A 100 -8.48 11.25 -13.33
N ASN A 101 -9.29 11.76 -14.26
CA ASN A 101 -9.92 13.07 -14.09
C ASN A 101 -10.88 13.18 -12.91
N THR A 102 -11.05 12.09 -12.16
CA THR A 102 -11.93 12.12 -10.99
C THR A 102 -11.12 11.69 -9.76
N TYR A 103 -9.82 11.47 -9.97
CA TYR A 103 -8.96 11.08 -8.87
C TYR A 103 -8.98 12.22 -7.85
N SER A 104 -9.35 11.89 -6.62
CA SER A 104 -9.43 12.89 -5.56
C SER A 104 -8.47 12.62 -4.39
N LYS A 105 -7.58 13.58 -4.12
CA LYS A 105 -6.62 13.43 -3.02
C LYS A 105 -7.45 13.20 -1.76
N LYS A 106 -8.66 13.76 -1.78
CA LYS A 106 -9.62 13.66 -0.70
C LYS A 106 -9.82 12.22 -0.23
N TYR A 107 -9.47 11.26 -1.08
CA TYR A 107 -9.65 9.85 -0.73
C TYR A 107 -8.37 9.07 -0.48
N MET A 108 -7.22 9.70 -0.62
CA MET A 108 -5.96 9.01 -0.32
C MET A 108 -5.93 8.86 1.19
N LEU A 109 -5.36 7.76 1.68
CA LEU A 109 -5.28 7.54 3.12
C LEU A 109 -6.65 7.64 3.77
N TYR A 110 -7.64 7.09 3.09
CA TYR A 110 -9.01 7.09 3.57
C TYR A 110 -9.18 6.11 4.73
N PRO A 111 -9.83 6.55 5.82
CA PRO A 111 -10.05 5.70 6.99
C PRO A 111 -10.85 4.44 6.64
N ASP A 112 -10.14 3.32 6.56
CA ASP A 112 -10.77 2.03 6.27
C ASP A 112 -11.98 1.88 7.20
N PHE A 113 -11.86 2.47 8.38
CA PHE A 113 -12.92 2.43 9.39
C PHE A 113 -14.29 2.84 8.86
N LEU A 114 -14.35 3.93 8.13
CA LEU A 114 -15.60 4.44 7.57
C LEU A 114 -16.32 3.49 6.61
N CYS A 115 -15.64 2.43 6.19
CA CYS A 115 -16.23 1.47 5.26
C CYS A 115 -16.87 0.33 6.04
N LYS A 116 -18.18 0.18 5.94
CA LYS A 116 -18.87 -0.88 6.68
C LYS A 116 -19.77 -1.74 5.78
N GLY A 117 -19.68 -3.05 5.96
CA GLY A 117 -20.52 -3.95 5.17
C GLY A 117 -19.85 -4.61 3.99
N GLU A 118 -20.32 -5.81 3.64
CA GLU A 118 -19.76 -6.57 2.53
C GLU A 118 -20.70 -6.62 1.32
N LEU A 119 -20.23 -6.02 0.22
CA LEU A 119 -20.96 -5.97 -1.05
C LEU A 119 -20.76 -7.31 -1.75
N LYS A 120 -21.78 -7.79 -2.46
CA LYS A 120 -21.64 -9.03 -3.20
C LYS A 120 -20.75 -8.65 -4.38
N CYS A 121 -19.89 -9.56 -4.84
CA CYS A 121 -19.02 -9.25 -5.97
C CYS A 121 -19.78 -9.23 -7.30
N SER B 1 14.90 10.75 8.86
CA SER B 1 15.55 9.69 9.66
C SER B 1 14.55 9.14 10.68
N LEU B 2 14.87 7.97 11.21
CA LEU B 2 14.02 7.30 12.17
C LEU B 2 13.70 8.17 13.40
N LEU B 3 14.54 9.15 13.65
CA LEU B 3 14.31 10.03 14.79
C LEU B 3 13.09 10.91 14.53
N GLU B 4 12.86 11.26 13.27
CA GLU B 4 11.69 12.08 12.91
C GLU B 4 10.49 11.15 12.82
N PHE B 5 10.70 9.99 12.21
CA PHE B 5 9.63 9.00 12.04
C PHE B 5 9.08 8.59 13.39
N GLY B 6 9.97 8.39 14.35
CA GLY B 6 9.54 7.99 15.68
C GLY B 6 8.76 9.10 16.36
N LYS B 7 9.13 10.34 16.05
CA LYS B 7 8.44 11.49 16.65
C LYS B 7 7.01 11.55 16.14
N MET B 8 6.82 11.41 14.83
CA MET B 8 5.48 11.45 14.24
C MET B 8 4.63 10.35 14.86
N ILE B 9 5.22 9.17 15.00
CA ILE B 9 4.50 8.03 15.56
C ILE B 9 3.98 8.32 16.96
N LEU B 10 4.85 8.84 17.82
CA LEU B 10 4.44 9.17 19.19
C LEU B 10 3.37 10.26 19.21
N GLU B 11 3.46 11.19 18.25
CA GLU B 11 2.50 12.28 18.15
C GLU B 11 1.13 11.82 17.69
N GLU B 12 1.10 11.08 16.59
CA GLU B 12 -0.13 10.58 16.00
C GLU B 12 -0.80 9.43 16.76
N THR B 13 -0.02 8.56 17.40
CA THR B 13 -0.60 7.42 18.11
C THR B 13 -0.52 7.50 19.63
N GLY B 14 0.50 8.18 20.14
CA GLY B 14 0.66 8.27 21.58
C GLY B 14 1.49 7.10 22.11
N LYS B 15 1.84 6.17 21.21
CA LYS B 15 2.63 5.03 21.63
C LYS B 15 4.07 5.22 21.15
N LEU B 16 5.02 4.55 21.84
CA LEU B 16 6.42 4.66 21.44
C LEU B 16 6.75 3.72 20.30
N ALA B 17 7.45 4.32 19.32
CA ALA B 17 7.89 3.58 18.14
C ALA B 17 8.41 2.30 18.73
N ILE B 18 9.27 2.41 19.74
CA ILE B 18 9.72 1.15 20.32
C ILE B 18 8.77 0.90 21.58
N PRO B 19 8.17 -0.32 21.74
CA PRO B 19 7.67 -1.63 21.69
C PRO B 19 6.51 -1.73 20.66
N SER B 20 5.52 -0.86 20.91
CA SER B 20 4.32 -0.76 20.12
C SER B 20 4.45 -1.06 18.62
N TYR B 21 5.49 -0.55 17.93
CA TYR B 21 5.54 -0.81 16.49
C TYR B 21 6.83 -1.39 15.96
N SER B 22 7.64 -1.96 16.85
CA SER B 22 8.91 -2.56 16.44
C SER B 22 8.92 -4.08 16.46
N SER B 23 7.90 -4.68 17.05
CA SER B 23 7.78 -6.14 17.09
C SER B 23 6.31 -6.51 17.00
N TYR B 24 5.63 -5.92 16.02
CA TYR B 24 4.20 -6.14 15.80
C TYR B 24 3.94 -6.81 14.46
N GLY B 25 3.25 -7.94 14.50
CA GLY B 25 2.92 -8.65 13.27
C GLY B 25 4.10 -9.18 12.49
N CYS B 26 3.92 -9.22 11.16
CA CYS B 26 4.95 -9.71 10.26
C CYS B 26 5.80 -8.63 9.60
N TYR B 27 5.39 -7.39 9.73
CA TYR B 27 6.15 -6.33 9.09
C TYR B 27 6.62 -5.13 9.88
N CYS B 28 5.91 -4.79 10.98
CA CYS B 28 6.34 -3.65 11.74
C CYS B 28 7.63 -4.00 12.45
N GLY B 29 8.73 -3.56 11.83
CA GLY B 29 10.03 -3.83 12.38
C GLY B 29 11.05 -4.08 11.29
N TRP B 30 11.82 -5.15 11.47
CA TRP B 30 12.88 -5.48 10.53
C TRP B 30 12.81 -6.87 9.88
N GLY B 31 12.18 -7.82 10.57
CA GLY B 31 12.07 -9.17 10.01
C GLY B 31 11.59 -9.14 8.56
N GLY B 32 10.38 -8.61 8.36
CA GLY B 32 9.79 -8.49 7.03
C GLY B 32 9.52 -9.74 6.22
N LYS B 33 8.56 -10.55 6.64
CA LYS B 33 8.22 -11.77 5.89
C LYS B 33 6.76 -12.20 6.02
N GLY B 34 6.24 -12.85 4.98
CA GLY B 34 4.88 -13.33 5.02
C GLY B 34 3.80 -12.37 4.55
N THR B 35 2.59 -12.57 5.07
CA THR B 35 1.46 -11.75 4.71
C THR B 35 1.00 -10.90 5.89
N PRO B 36 0.85 -9.59 5.68
CA PRO B 36 0.40 -8.69 6.75
C PRO B 36 -0.78 -9.35 7.49
N LYS B 37 -0.80 -9.20 8.80
CA LYS B 37 -1.85 -9.81 9.60
C LYS B 37 -3.06 -8.94 9.89
N ASP B 38 -2.89 -7.61 9.80
CA ASP B 38 -4.00 -6.70 10.06
C ASP B 38 -3.73 -5.29 9.55
N ALA B 39 -4.69 -4.40 9.79
CA ALA B 39 -4.58 -3.01 9.35
C ALA B 39 -3.23 -2.38 9.69
N THR B 40 -2.84 -2.46 10.95
CA THR B 40 -1.57 -1.88 11.38
C THR B 40 -0.39 -2.57 10.72
N ASP B 41 -0.47 -3.89 10.57
CA ASP B 41 0.63 -4.62 9.94
C ASP B 41 0.79 -4.18 8.48
N ARG B 42 -0.32 -3.88 7.82
CA ARG B 42 -0.27 -3.45 6.43
C ARG B 42 0.34 -2.06 6.32
N CYS B 43 0.03 -1.21 7.30
CA CYS B 43 0.58 0.12 7.31
C CYS B 43 2.13 0.09 7.19
N CYS B 44 2.73 -0.93 7.82
CA CYS B 44 4.20 -1.12 7.83
C CYS B 44 4.72 -1.89 6.65
N PHE B 45 3.86 -2.66 6.05
CA PHE B 45 4.25 -3.36 4.83
C PHE B 45 4.37 -2.32 3.73
N VAL B 46 3.35 -1.48 3.64
CA VAL B 46 3.33 -0.43 2.63
C VAL B 46 4.50 0.51 2.86
N HIS B 47 4.83 0.74 4.13
CA HIS B 47 5.92 1.63 4.47
C HIS B 47 7.33 1.16 3.98
N ASP B 48 7.84 -0.08 4.26
CA ASP B 48 9.18 -0.39 3.69
C ASP B 48 9.06 -0.75 2.22
N CYS B 49 7.84 -0.71 1.67
CA CYS B 49 7.66 -0.89 0.24
C CYS B 49 7.97 0.50 -0.34
N CYS B 50 7.58 1.50 0.43
CA CYS B 50 7.79 2.90 0.10
C CYS B 50 9.29 3.20 0.14
N TYR B 51 9.98 2.62 1.15
CA TYR B 51 11.42 2.81 1.33
C TYR B 51 12.20 2.09 0.23
N GLY B 52 11.53 1.18 -0.47
CA GLY B 52 12.17 0.45 -1.55
C GLY B 52 12.19 1.21 -2.87
N ASN B 53 11.38 2.25 -2.97
CA ASN B 53 11.31 3.06 -4.18
C ASN B 53 12.35 4.19 -4.08
N LEU B 54 13.09 4.21 -2.97
CA LEU B 54 14.12 5.23 -2.73
C LEU B 54 15.53 4.65 -2.67
N PRO B 55 15.96 3.95 -3.73
CA PRO B 55 17.30 3.36 -3.74
C PRO B 55 18.40 4.41 -3.61
N ASP B 56 18.21 5.55 -4.24
CA ASP B 56 19.19 6.62 -4.21
C ASP B 56 19.26 7.41 -2.91
N CYS B 57 18.53 6.97 -1.89
CA CYS B 57 18.53 7.67 -0.60
C CYS B 57 18.81 6.69 0.52
N ASN B 58 18.88 7.19 1.75
CA ASN B 58 19.06 6.31 2.91
C ASN B 58 18.22 6.82 4.08
N PRO B 59 16.93 6.42 4.07
CA PRO B 59 15.83 6.71 5.01
C PRO B 59 16.15 6.55 6.50
N LYS B 60 16.97 5.57 6.83
CA LYS B 60 17.31 5.33 8.23
C LYS B 60 17.95 6.52 8.92
N SER B 61 18.83 7.23 8.23
CA SER B 61 19.54 8.33 8.86
C SER B 61 19.44 9.77 8.35
N ASP B 62 19.18 9.99 7.06
CA ASP B 62 19.10 11.36 6.56
C ASP B 62 17.95 12.08 7.26
N ARG B 63 18.26 13.19 7.91
CA ARG B 63 17.24 13.93 8.65
C ARG B 63 16.51 15.01 7.84
N TYR B 64 15.20 15.01 7.97
CA TYR B 64 14.35 15.98 7.28
C TYR B 64 13.57 16.79 8.31
N LYS B 65 12.86 17.80 7.84
CA LYS B 65 12.06 18.61 8.74
C LYS B 65 10.62 18.58 8.28
N TYR B 66 9.71 18.64 9.25
CA TYR B 66 8.29 18.65 8.97
C TYR B 66 7.67 19.52 10.04
N LYS B 67 6.42 19.91 9.83
CA LYS B 67 5.71 20.75 10.76
C LYS B 67 4.23 20.44 10.58
N ARG B 68 3.39 21.15 11.32
CA ARG B 68 1.97 20.98 11.21
C ARG B 68 1.36 22.27 10.73
N VAL B 69 0.34 22.14 9.91
CA VAL B 69 -0.37 23.27 9.35
C VAL B 69 -1.82 22.91 9.53
N ASN B 70 -2.49 23.62 10.43
CA ASN B 70 -3.87 23.34 10.75
C ASN B 70 -3.91 21.88 11.23
N GLY B 71 -2.95 21.54 12.09
CA GLY B 71 -2.86 20.20 12.65
C GLY B 71 -2.43 19.05 11.76
N ALA B 72 -2.15 19.33 10.49
CA ALA B 72 -1.75 18.29 9.55
C ALA B 72 -0.25 18.25 9.37
N ILE B 73 0.29 17.04 9.20
CA ILE B 73 1.72 16.86 8.99
C ILE B 73 2.08 17.34 7.60
N VAL B 74 3.07 18.19 7.53
CA VAL B 74 3.54 18.72 6.26
C VAL B 74 5.06 18.63 6.20
N CYS B 75 5.56 18.04 5.13
CA CYS B 75 7.00 17.90 4.98
C CYS B 75 7.60 19.19 4.48
N GLU B 76 8.48 19.77 5.28
CA GLU B 76 9.16 21.00 4.92
C GLU B 76 9.96 20.76 3.64
N LYS B 77 10.36 21.83 2.96
CA LYS B 77 11.09 21.64 1.72
C LYS B 77 12.55 21.31 1.94
N GLY B 78 13.12 20.53 1.03
CA GLY B 78 14.50 20.14 1.14
C GLY B 78 15.00 19.41 -0.08
N THR B 79 15.86 18.42 0.12
CA THR B 79 16.39 17.64 -0.98
C THR B 79 15.30 16.67 -1.39
N SER B 80 15.34 16.21 -2.64
CA SER B 80 14.33 15.28 -3.14
C SER B 80 14.18 14.09 -2.22
N CYS B 81 15.31 13.58 -1.72
CA CYS B 81 15.31 12.44 -0.83
C CYS B 81 14.56 12.73 0.46
N GLU B 82 14.98 13.77 1.16
CA GLU B 82 14.35 14.17 2.41
C GLU B 82 12.83 14.29 2.25
N ASN B 83 12.40 14.87 1.14
CA ASN B 83 10.97 15.01 0.90
C ASN B 83 10.24 13.69 0.68
N ARG B 84 10.83 12.81 -0.13
CA ARG B 84 10.22 11.52 -0.41
C ARG B 84 10.24 10.61 0.81
N ILE B 85 11.36 10.60 1.52
CA ILE B 85 11.47 9.78 2.73
C ILE B 85 10.36 10.19 3.72
N CYS B 86 10.16 11.50 3.83
CA CYS B 86 9.16 12.08 4.74
C CYS B 86 7.73 11.71 4.36
N GLU B 87 7.45 11.67 3.05
CA GLU B 87 6.11 11.31 2.60
C GLU B 87 5.81 9.86 3.00
N CYS B 88 6.83 9.00 2.91
CA CYS B 88 6.68 7.60 3.30
C CYS B 88 6.31 7.55 4.79
N ASP B 89 7.06 8.30 5.59
CA ASP B 89 6.86 8.36 7.03
C ASP B 89 5.52 9.01 7.41
N LYS B 90 5.22 10.13 6.77
CA LYS B 90 3.99 10.85 7.04
C LYS B 90 2.78 9.94 6.91
N ALA B 91 2.69 9.27 5.76
CA ALA B 91 1.58 8.36 5.46
C ALA B 91 1.53 7.21 6.46
N ALA B 92 2.68 6.64 6.79
CA ALA B 92 2.73 5.53 7.74
C ALA B 92 2.18 5.91 9.13
N ALA B 93 2.62 7.05 9.64
CA ALA B 93 2.17 7.51 10.96
C ALA B 93 0.67 7.76 10.98
N ILE B 94 0.14 8.34 9.91
CA ILE B 94 -1.29 8.60 9.82
C ILE B 94 -2.04 7.28 9.75
N CYS B 95 -1.48 6.31 9.02
CA CYS B 95 -2.07 4.99 8.87
C CYS B 95 -2.15 4.32 10.24
N PHE B 96 -1.12 4.50 11.06
CA PHE B 96 -1.12 3.89 12.39
C PHE B 96 -2.22 4.46 13.26
N ARG B 97 -2.47 5.76 13.12
CA ARG B 97 -3.52 6.40 13.92
C ARG B 97 -4.91 6.00 13.45
N GLN B 98 -5.11 5.93 12.15
CA GLN B 98 -6.43 5.57 11.63
C GLN B 98 -6.79 4.15 12.01
N ASN B 99 -5.80 3.36 12.40
CA ASN B 99 -6.04 1.97 12.77
C ASN B 99 -5.77 1.64 14.24
N LEU B 100 -5.69 2.66 15.08
CA LEU B 100 -5.47 2.45 16.51
C LEU B 100 -6.64 1.64 17.04
N ASN B 101 -7.72 1.62 16.25
CA ASN B 101 -8.94 0.93 16.62
C ASN B 101 -8.82 -0.61 16.67
N THR B 102 -8.10 -1.18 15.72
CA THR B 102 -7.94 -2.63 15.68
C THR B 102 -6.59 -3.11 16.18
N TYR B 103 -5.77 -2.18 16.67
CA TYR B 103 -4.46 -2.50 17.21
C TYR B 103 -4.66 -3.43 18.40
N SER B 104 -4.15 -4.65 18.30
CA SER B 104 -4.29 -5.63 19.38
C SER B 104 -2.95 -6.19 19.86
N LYS B 105 -2.87 -6.49 21.14
CA LYS B 105 -1.65 -7.02 21.74
C LYS B 105 -1.33 -8.45 21.35
N LYS B 106 -2.29 -9.14 20.74
CA LYS B 106 -2.06 -10.51 20.33
C LYS B 106 -1.06 -10.64 19.18
N TYR B 107 -0.72 -9.51 18.56
CA TYR B 107 0.22 -9.52 17.44
C TYR B 107 1.64 -9.09 17.81
N MET B 108 1.87 -8.81 19.09
CA MET B 108 3.20 -8.42 19.52
C MET B 108 4.09 -9.63 19.70
N LEU B 109 5.34 -9.50 19.28
CA LEU B 109 6.30 -10.59 19.38
C LEU B 109 5.72 -11.80 18.68
N TYR B 110 5.09 -11.55 17.54
CA TYR B 110 4.48 -12.59 16.74
C TYR B 110 5.56 -13.54 16.23
N PRO B 111 5.31 -14.87 16.33
CA PRO B 111 6.27 -15.87 15.87
C PRO B 111 6.50 -15.90 14.36
N ASP B 112 7.75 -16.15 14.00
CA ASP B 112 8.20 -16.22 12.61
C ASP B 112 7.42 -17.24 11.79
N PHE B 113 7.17 -18.41 12.36
CA PHE B 113 6.46 -19.45 11.63
C PHE B 113 5.00 -19.11 11.30
N LEU B 114 4.48 -18.03 11.88
CA LEU B 114 3.11 -17.61 11.60
C LEU B 114 3.03 -16.57 10.49
N CYS B 115 4.17 -16.22 9.92
CA CYS B 115 4.21 -15.27 8.81
C CYS B 115 4.39 -16.15 7.58
N LYS B 116 3.27 -16.34 6.88
CA LYS B 116 3.13 -17.26 5.72
C LYS B 116 3.73 -16.94 4.34
N GLY B 117 2.84 -16.71 3.35
CA GLY B 117 3.18 -16.49 1.95
C GLY B 117 4.45 -15.79 1.46
N GLU B 118 4.60 -15.68 0.14
CA GLU B 118 5.73 -14.97 -0.41
C GLU B 118 5.12 -13.70 -0.98
N LEU B 119 5.66 -12.56 -0.54
CA LEU B 119 5.17 -11.27 -0.97
C LEU B 119 6.33 -10.33 -1.27
N LYS B 120 6.28 -9.68 -2.43
CA LYS B 120 7.35 -8.77 -2.84
C LYS B 120 6.84 -7.42 -3.33
N CYS B 121 7.72 -6.42 -3.30
CA CYS B 121 7.41 -5.07 -3.75
C CYS B 121 8.72 -4.31 -3.98
#